data_4ZSL
#
_entry.id   4ZSL
#
_cell.length_a   92.687
_cell.length_b   92.687
_cell.length_c   111.042
_cell.angle_alpha   90.00
_cell.angle_beta   90.00
_cell.angle_gamma   90.00
#
_symmetry.space_group_name_H-M   'P 41 21 2'
#
loop_
_entity.id
_entity.type
_entity.pdbx_description
1 polymer 'Mitogen-activated protein kinase 7'
2 non-polymer 3-amino-5-[(4-chlorophenyl)amino]-N-[(1S)-1-phenylethyl]-1H-1,2,4-triazole-1-carboxamide
3 non-polymer GLYCEROL
4 water water
#
_entity_poly.entity_id   1
_entity_poly.type   'polypeptide(L)'
_entity_poly.pdbx_seq_one_letter_code
;DEYEIIETIGNGAYGVVSSARRRLTGQQVAIKKIPNAFDVVTNAKRTLRELKILKHFKHDNIIAIKDILRPTVPYGEFKS
VYVVLDLMESDLHQIIHSSQPLTLEHVRYFLYQLLRGLKYMHSAQVIHRDLKPSNLLVNENCELKIGDFGMARGLCTSPA
EHQYFMTEYVATRWYRAPELMLSLHEYTQAIDLWSVGCIFGEMLARRQLFPGKNYVHQLQLIMMVLGTPSPAVIQAVGAE
RVRAYIQSLPPRQPVPWETVYPGADRQALSLLGRMLRFEPSARISAAAALRHPFLAKYHDPDDEPDCAPPFDFAFDREAL
TRERIKEAIVAEIEDFHARRE
;
_entity_poly.pdbx_strand_id   A
#
loop_
_chem_comp.id
_chem_comp.type
_chem_comp.name
_chem_comp.formula
4QZ non-polymer 3-amino-5-[(4-chlorophenyl)amino]-N-[(1S)-1-phenylethyl]-1H-1,2,4-triazole-1-carboxamide 'C17 H17 Cl N6 O'
GOL non-polymer GLYCEROL 'C3 H8 O3'
#
# COMPACT_ATOMS: atom_id res chain seq x y z
N ASP A 1 29.38 18.61 -6.52
CA ASP A 1 28.16 17.84 -6.72
C ASP A 1 26.95 18.45 -5.97
N GLU A 2 25.73 17.93 -6.24
CA GLU A 2 24.48 18.38 -5.64
C GLU A 2 24.18 17.70 -4.28
N TYR A 3 24.58 16.42 -4.11
CA TYR A 3 24.32 15.66 -2.89
C TYR A 3 25.57 15.01 -2.32
N GLU A 4 25.54 14.79 -1.01
CA GLU A 4 26.59 14.16 -0.22
C GLU A 4 25.98 12.92 0.46
N ILE A 5 26.59 11.74 0.23
CA ILE A 5 26.13 10.48 0.83
C ILE A 5 26.55 10.41 2.31
N ILE A 6 25.64 9.96 3.19
CA ILE A 6 25.88 9.80 4.62
C ILE A 6 26.12 8.32 4.94
N GLU A 7 25.14 7.45 4.63
CA GLU A 7 25.21 6.00 4.88
C GLU A 7 24.09 5.22 4.19
N THR A 8 24.36 3.92 3.94
CA THR A 8 23.40 2.97 3.40
C THR A 8 22.42 2.67 4.54
N ILE A 9 21.13 2.84 4.29
CA ILE A 9 20.10 2.57 5.28
C ILE A 9 19.01 1.65 4.75
N GLY A 10 18.39 0.92 5.66
CA GLY A 10 17.27 0.04 5.37
C GLY A 10 15.99 0.85 5.27
N ASN A 11 15.07 0.37 4.43
CA ASN A 11 13.78 1.00 4.21
C ASN A 11 12.71 -0.08 4.03
N GLY A 12 11.60 0.06 4.74
CA GLY A 12 10.50 -0.89 4.68
C GLY A 12 9.88 -1.03 3.30
N ALA A 13 9.62 0.12 2.64
CA ALA A 13 8.98 0.18 1.33
C ALA A 13 9.90 -0.10 0.13
N TYR A 14 11.18 0.35 0.14
CA TYR A 14 12.05 0.17 -1.04
C TYR A 14 13.38 -0.61 -0.80
N GLY A 15 13.52 -1.26 0.35
CA GLY A 15 14.73 -2.03 0.67
C GLY A 15 15.91 -1.14 1.00
N VAL A 16 17.04 -1.37 0.35
CA VAL A 16 18.28 -0.60 0.58
C VAL A 16 18.29 0.78 -0.16
N VAL A 17 18.51 1.88 0.60
CA VAL A 17 18.60 3.26 0.09
C VAL A 17 19.82 3.94 0.75
N SER A 18 20.22 5.12 0.26
CA SER A 18 21.30 5.87 0.90
C SER A 18 20.76 7.13 1.55
N SER A 19 21.09 7.36 2.83
CA SER A 19 20.71 8.62 3.49
C SER A 19 21.73 9.65 2.98
N ALA A 20 21.22 10.80 2.56
CA ALA A 20 22.06 11.84 1.98
C ALA A 20 21.61 13.23 2.40
N ARG A 21 22.34 14.25 1.94
CA ARG A 21 21.99 15.64 2.18
C ARG A 21 22.35 16.52 1.01
N ARG A 22 21.47 17.49 0.70
CA ARG A 22 21.71 18.45 -0.39
C ARG A 22 22.83 19.39 0.08
N ARG A 23 23.92 19.48 -0.70
CA ARG A 23 25.14 20.24 -0.36
C ARG A 23 24.90 21.74 -0.06
N LEU A 24 24.04 22.41 -0.83
CA LEU A 24 23.76 23.85 -0.66
C LEU A 24 22.89 24.20 0.55
N THR A 25 21.91 23.35 0.90
CA THR A 25 20.93 23.60 1.96
C THR A 25 21.15 22.82 3.26
N GLY A 26 21.78 21.65 3.16
CA GLY A 26 21.98 20.74 4.28
C GLY A 26 20.79 19.82 4.51
N GLN A 27 19.72 19.98 3.68
CA GLN A 27 18.47 19.21 3.74
C GLN A 27 18.73 17.73 3.59
N GLN A 28 18.23 16.93 4.54
CA GLN A 28 18.38 15.49 4.52
C GLN A 28 17.38 14.84 3.58
N VAL A 29 17.86 13.87 2.78
CA VAL A 29 17.06 13.16 1.79
C VAL A 29 17.44 11.67 1.77
N ALA A 30 16.60 10.84 1.14
CA ALA A 30 16.93 9.44 0.89
C ALA A 30 17.18 9.32 -0.63
N ILE A 31 18.23 8.63 -1.02
CA ILE A 31 18.52 8.45 -2.44
C ILE A 31 18.42 6.97 -2.73
N LYS A 32 17.47 6.62 -3.61
CA LYS A 32 17.25 5.25 -4.03
C LYS A 32 17.88 5.06 -5.42
N LYS A 33 18.72 4.03 -5.54
CA LYS A 33 19.32 3.63 -6.81
C LYS A 33 18.54 2.43 -7.35
N ILE A 34 18.12 2.50 -8.61
CA ILE A 34 17.43 1.41 -9.30
C ILE A 34 18.45 0.93 -10.33
N PRO A 35 19.31 -0.04 -9.96
CA PRO A 35 20.37 -0.45 -10.89
C PRO A 35 19.83 -1.31 -12.01
N ASN A 36 20.41 -1.17 -13.21
CA ASN A 36 20.01 -1.95 -14.39
C ASN A 36 18.48 -1.91 -14.54
N ALA A 37 17.91 -0.70 -14.40
CA ALA A 37 16.47 -0.38 -14.41
C ALA A 37 15.72 -0.80 -15.68
N PHE A 38 16.43 -0.92 -16.80
CA PHE A 38 15.84 -1.21 -18.12
C PHE A 38 16.13 -2.63 -18.67
N ASP A 39 16.72 -3.51 -17.85
CA ASP A 39 17.12 -4.86 -18.23
C ASP A 39 16.00 -5.90 -18.36
N VAL A 40 14.90 -5.72 -17.60
CA VAL A 40 13.81 -6.70 -17.51
C VAL A 40 12.52 -5.94 -17.64
N VAL A 41 11.64 -6.35 -18.58
CA VAL A 41 10.33 -5.70 -18.84
C VAL A 41 9.52 -5.41 -17.53
N THR A 42 9.29 -6.45 -16.70
CA THR A 42 8.49 -6.35 -15.50
C THR A 42 9.05 -5.31 -14.52
N ASN A 43 10.37 -5.28 -14.30
CA ASN A 43 11.02 -4.28 -13.45
C ASN A 43 10.90 -2.88 -14.03
N ALA A 44 11.14 -2.75 -15.36
CA ALA A 44 11.10 -1.45 -16.03
C ALA A 44 9.69 -0.86 -15.99
N LYS A 45 8.63 -1.67 -16.24
CA LYS A 45 7.21 -1.24 -16.15
C LYS A 45 6.88 -0.74 -14.73
N ARG A 46 7.41 -1.43 -13.71
CA ARG A 46 7.18 -1.09 -12.30
C ARG A 46 7.82 0.29 -11.97
N THR A 47 9.05 0.52 -12.43
CA THR A 47 9.72 1.80 -12.24
C THR A 47 8.87 2.92 -12.88
N LEU A 48 8.37 2.72 -14.14
CA LEU A 48 7.52 3.72 -14.82
C LEU A 48 6.22 4.03 -14.05
N ARG A 49 5.54 2.96 -13.57
CA ARG A 49 4.28 3.05 -12.82
C ARG A 49 4.51 3.84 -11.52
N GLU A 50 5.56 3.52 -10.80
CA GLU A 50 5.88 4.20 -9.56
C GLU A 50 6.23 5.68 -9.76
N LEU A 51 7.04 6.03 -10.78
CA LEU A 51 7.40 7.42 -11.08
C LEU A 51 6.14 8.23 -11.40
N LYS A 52 5.26 7.71 -12.26
CA LYS A 52 4.01 8.36 -12.66
C LYS A 52 3.06 8.59 -11.49
N ILE A 53 2.86 7.55 -10.65
CA ILE A 53 1.99 7.60 -9.49
C ILE A 53 2.50 8.67 -8.50
N LEU A 54 3.79 8.60 -8.14
CA LEU A 54 4.37 9.52 -7.15
C LEU A 54 4.43 10.95 -7.63
N LYS A 55 4.54 11.17 -8.95
CA LYS A 55 4.54 12.50 -9.56
C LYS A 55 3.14 13.06 -9.53
N HIS A 56 2.11 12.20 -9.73
CA HIS A 56 0.70 12.58 -9.70
C HIS A 56 0.27 13.03 -8.28
N PHE A 57 0.69 12.32 -7.23
CA PHE A 57 0.27 12.68 -5.88
C PHE A 57 1.09 13.79 -5.24
N LYS A 58 0.43 14.62 -4.44
CA LYS A 58 1.05 15.69 -3.67
C LYS A 58 0.28 15.76 -2.37
N HIS A 59 0.67 14.90 -1.42
CA HIS A 59 0.00 14.68 -0.15
C HIS A 59 1.03 14.33 0.93
N ASP A 60 0.88 14.91 2.12
CA ASP A 60 1.80 14.67 3.24
C ASP A 60 1.86 13.24 3.74
N ASN A 61 0.85 12.41 3.42
CA ASN A 61 0.83 11.04 3.89
C ASN A 61 1.14 10.04 2.78
N ILE A 62 1.74 10.54 1.69
CA ILE A 62 2.20 9.71 0.57
C ILE A 62 3.62 10.14 0.25
N ILE A 63 4.50 9.15 0.07
CA ILE A 63 5.92 9.37 -0.25
C ILE A 63 6.07 10.20 -1.55
N ALA A 64 6.88 11.25 -1.49
CA ALA A 64 7.10 12.23 -2.55
C ALA A 64 8.45 12.06 -3.24
N ILE A 65 8.50 12.33 -4.55
CA ILE A 65 9.77 12.38 -5.28
C ILE A 65 10.26 13.84 -5.05
N LYS A 66 11.39 13.99 -4.39
CA LYS A 66 11.95 15.31 -4.12
C LYS A 66 12.77 15.81 -5.30
N ASP A 67 13.38 14.85 -6.06
CA ASP A 67 14.21 15.09 -7.24
C ASP A 67 14.53 13.76 -7.93
N ILE A 68 14.82 13.79 -9.23
CA ILE A 68 15.25 12.59 -9.97
C ILE A 68 16.54 13.00 -10.66
N LEU A 69 17.62 12.22 -10.53
CA LEU A 69 18.87 12.62 -11.17
C LEU A 69 18.81 12.43 -12.70
N ARG A 70 19.27 13.44 -13.44
CA ARG A 70 19.26 13.41 -14.90
C ARG A 70 20.40 12.53 -15.41
N PRO A 71 20.28 11.89 -16.60
CA PRO A 71 21.43 11.13 -17.14
C PRO A 71 22.63 12.09 -17.34
N THR A 72 23.76 11.78 -16.70
CA THR A 72 24.98 12.59 -16.80
C THR A 72 25.90 12.04 -17.91
N VAL A 73 25.54 10.85 -18.45
CA VAL A 73 26.27 10.10 -19.49
C VAL A 73 25.42 9.92 -20.80
N PRO A 74 25.99 9.39 -21.94
CA PRO A 74 25.15 9.19 -23.15
C PRO A 74 23.92 8.30 -22.91
N TYR A 75 22.80 8.59 -23.63
CA TYR A 75 21.53 7.86 -23.52
C TYR A 75 21.72 6.35 -23.41
N GLY A 76 22.42 5.78 -24.38
CA GLY A 76 22.72 4.35 -24.46
C GLY A 76 23.43 3.80 -23.23
N GLU A 77 24.18 4.66 -22.53
CA GLU A 77 24.92 4.31 -21.33
C GLU A 77 24.10 4.45 -20.04
N PHE A 78 22.94 5.18 -20.10
CA PHE A 78 22.05 5.39 -18.94
C PHE A 78 21.37 4.07 -18.60
N LYS A 79 21.78 3.46 -17.49
CA LYS A 79 21.34 2.13 -17.06
C LYS A 79 20.75 2.11 -15.66
N SER A 80 21.11 3.08 -14.82
CA SER A 80 20.62 3.13 -13.44
C SER A 80 19.96 4.46 -13.14
N VAL A 81 18.86 4.39 -12.40
CA VAL A 81 18.05 5.54 -12.04
C VAL A 81 18.23 5.87 -10.55
N TYR A 82 18.40 7.16 -10.22
CA TYR A 82 18.52 7.64 -8.86
C TYR A 82 17.37 8.58 -8.57
N VAL A 83 16.57 8.21 -7.57
CA VAL A 83 15.40 8.98 -7.13
C VAL A 83 15.68 9.55 -5.74
N VAL A 84 15.43 10.85 -5.57
CA VAL A 84 15.62 11.54 -4.29
C VAL A 84 14.25 11.57 -3.64
N LEU A 85 14.14 10.97 -2.43
CA LEU A 85 12.87 10.87 -1.71
C LEU A 85 12.91 11.49 -0.32
N ASP A 86 11.74 11.55 0.36
CA ASP A 86 11.67 12.01 1.75
C ASP A 86 12.50 11.00 2.57
N LEU A 87 13.33 11.48 3.50
CA LEU A 87 14.08 10.59 4.35
C LEU A 87 13.15 10.12 5.50
N MET A 88 12.92 8.81 5.58
CA MET A 88 12.05 8.18 6.57
C MET A 88 12.89 7.20 7.35
N GLU A 89 13.12 7.47 8.62
CA GLU A 89 14.01 6.66 9.45
C GLU A 89 13.44 5.30 9.86
N SER A 90 12.11 5.18 9.93
CA SER A 90 11.48 3.93 10.35
C SER A 90 10.22 3.61 9.52
N ASP A 91 9.43 2.65 10.00
CA ASP A 91 8.18 2.21 9.40
C ASP A 91 7.33 1.61 10.50
N LEU A 92 6.04 1.42 10.23
CA LEU A 92 5.10 0.89 11.21
C LEU A 92 5.44 -0.55 11.69
N HIS A 93 6.10 -1.37 10.84
CA HIS A 93 6.50 -2.73 11.23
C HIS A 93 7.51 -2.66 12.38
N GLN A 94 8.57 -1.87 12.18
CA GLN A 94 9.63 -1.65 13.17
C GLN A 94 9.09 -1.07 14.47
N ILE A 95 8.12 -0.13 14.41
CA ILE A 95 7.52 0.48 15.61
C ILE A 95 6.66 -0.52 16.37
N ILE A 96 5.70 -1.18 15.67
CA ILE A 96 4.80 -2.18 16.30
C ILE A 96 5.63 -3.29 16.99
N HIS A 97 6.58 -3.87 16.27
CA HIS A 97 7.38 -5.00 16.73
C HIS A 97 8.73 -4.58 17.34
N SER A 98 8.67 -3.72 18.34
CA SER A 98 9.85 -3.24 19.04
C SER A 98 9.48 -2.96 20.49
N SER A 99 10.41 -2.36 21.25
CA SER A 99 10.22 -2.01 22.64
C SER A 99 9.75 -0.57 22.81
N GLN A 100 9.51 0.12 21.68
CA GLN A 100 8.99 1.50 21.62
C GLN A 100 7.58 1.52 22.20
N PRO A 101 7.11 2.67 22.71
CA PRO A 101 5.70 2.73 23.15
C PRO A 101 4.75 2.67 21.94
N LEU A 102 3.57 2.12 22.18
CA LEU A 102 2.49 2.04 21.22
C LEU A 102 1.18 2.00 21.98
N THR A 103 0.76 3.17 22.45
CA THR A 103 -0.47 3.34 23.22
C THR A 103 -1.63 3.45 22.24
N LEU A 104 -2.87 3.47 22.76
CA LEU A 104 -4.09 3.65 21.97
C LEU A 104 -4.01 4.95 21.14
N GLU A 105 -3.37 5.99 21.72
CA GLU A 105 -3.18 7.27 21.07
C GLU A 105 -2.24 7.19 19.88
N HIS A 106 -1.21 6.32 19.95
CA HIS A 106 -0.28 6.08 18.83
C HIS A 106 -1.08 5.41 17.72
N VAL A 107 -1.89 4.36 18.08
CA VAL A 107 -2.76 3.63 17.15
C VAL A 107 -3.73 4.61 16.44
N ARG A 108 -4.46 5.43 17.20
CA ARG A 108 -5.39 6.43 16.69
C ARG A 108 -4.69 7.42 15.75
N TYR A 109 -3.49 7.90 16.08
CA TYR A 109 -2.77 8.85 15.24
C TYR A 109 -2.24 8.21 13.95
N PHE A 110 -1.64 7.02 14.04
CA PHE A 110 -1.12 6.31 12.86
C PHE A 110 -2.25 5.91 11.92
N LEU A 111 -3.38 5.42 12.48
CA LEU A 111 -4.55 5.05 11.68
C LEU A 111 -5.11 6.24 10.93
N TYR A 112 -5.20 7.39 11.61
CA TYR A 112 -5.68 8.62 11.03
C TYR A 112 -4.89 9.02 9.77
N GLN A 113 -3.57 9.08 9.90
CA GLN A 113 -2.67 9.46 8.79
C GLN A 113 -2.77 8.52 7.62
N LEU A 114 -2.81 7.22 7.91
CA LEU A 114 -2.96 6.17 6.90
C LEU A 114 -4.27 6.38 6.11
N LEU A 115 -5.41 6.55 6.80
CA LEU A 115 -6.73 6.79 6.19
C LEU A 115 -6.81 8.13 5.46
N ARG A 116 -6.09 9.15 5.94
CA ARG A 116 -6.01 10.46 5.30
C ARG A 116 -5.36 10.33 3.91
N GLY A 117 -4.25 9.57 3.84
CA GLY A 117 -3.55 9.35 2.59
C GLY A 117 -4.35 8.48 1.65
N LEU A 118 -5.04 7.49 2.19
CA LEU A 118 -5.90 6.59 1.41
C LEU A 118 -7.10 7.29 0.82
N LYS A 119 -7.71 8.21 1.54
CA LYS A 119 -8.86 8.94 1.04
C LYS A 119 -8.49 9.69 -0.22
N TYR A 120 -7.31 10.34 -0.20
CA TYR A 120 -6.78 11.08 -1.33
C TYR A 120 -6.44 10.14 -2.51
N MET A 121 -5.66 9.09 -2.25
CA MET A 121 -5.28 8.06 -3.22
C MET A 121 -6.51 7.39 -3.90
N HIS A 122 -7.50 6.97 -3.09
CA HIS A 122 -8.75 6.33 -3.54
C HIS A 122 -9.61 7.21 -4.41
N SER A 123 -9.62 8.53 -4.16
CA SER A 123 -10.39 9.47 -5.00
C SER A 123 -9.74 9.65 -6.38
N ALA A 124 -8.46 9.26 -6.51
CA ALA A 124 -7.67 9.31 -7.75
C ALA A 124 -7.83 7.99 -8.52
N GLN A 125 -8.66 7.07 -7.99
CA GLN A 125 -8.95 5.74 -8.56
C GLN A 125 -7.73 4.86 -8.60
N VAL A 126 -6.89 4.96 -7.55
CA VAL A 126 -5.69 4.19 -7.36
C VAL A 126 -5.91 3.28 -6.15
N ILE A 127 -5.70 1.98 -6.35
CA ILE A 127 -5.75 0.94 -5.31
C ILE A 127 -4.32 0.52 -5.14
N HIS A 128 -3.82 0.62 -3.92
CA HIS A 128 -2.44 0.30 -3.55
C HIS A 128 -2.22 -1.21 -3.72
N ARG A 129 -3.15 -2.01 -3.18
CA ARG A 129 -3.17 -3.46 -3.23
C ARG A 129 -2.05 -4.13 -2.41
N ASP A 130 -1.14 -3.40 -1.75
CA ASP A 130 -0.10 -4.05 -0.95
C ASP A 130 0.18 -3.31 0.37
N LEU A 131 -0.88 -2.82 1.04
CA LEU A 131 -0.66 -2.15 2.32
C LEU A 131 -0.27 -3.15 3.40
N LYS A 132 0.81 -2.82 4.12
CA LYS A 132 1.30 -3.63 5.24
C LYS A 132 2.12 -2.69 6.12
N PRO A 133 2.37 -2.99 7.42
CA PRO A 133 3.10 -2.02 8.26
C PRO A 133 4.47 -1.59 7.70
N SER A 134 5.18 -2.52 7.04
CA SER A 134 6.51 -2.26 6.48
C SER A 134 6.53 -1.25 5.33
N ASN A 135 5.45 -1.07 4.60
CA ASN A 135 5.56 -0.01 3.58
C ASN A 135 4.82 1.29 4.00
N LEU A 136 4.57 1.43 5.31
CA LEU A 136 4.03 2.65 5.89
C LEU A 136 5.18 3.28 6.63
N LEU A 137 5.86 4.17 5.95
CA LEU A 137 7.06 4.81 6.47
C LEU A 137 6.74 5.83 7.54
N VAL A 138 7.59 5.91 8.57
CA VAL A 138 7.45 6.83 9.70
C VAL A 138 8.78 7.53 9.93
N ASN A 139 8.74 8.86 9.98
CA ASN A 139 9.94 9.66 10.20
C ASN A 139 10.04 10.06 11.70
N GLU A 140 11.06 10.85 12.03
CA GLU A 140 11.31 11.29 13.40
C GLU A 140 10.23 12.21 14.00
N ASN A 141 9.49 12.93 13.13
CA ASN A 141 8.41 13.83 13.52
C ASN A 141 7.05 13.11 13.56
N CYS A 142 7.06 11.76 13.56
CA CYS A 142 5.88 10.91 13.61
C CYS A 142 4.98 11.05 12.34
N GLU A 143 5.57 11.45 11.20
CA GLU A 143 4.75 11.57 10.01
C GLU A 143 4.76 10.23 9.30
N LEU A 144 3.55 9.70 9.01
CA LEU A 144 3.39 8.45 8.31
C LEU A 144 3.18 8.73 6.83
N LYS A 145 3.88 7.97 5.97
CA LYS A 145 3.76 8.14 4.53
C LYS A 145 3.68 6.78 3.87
N ILE A 146 2.65 6.59 3.05
CA ILE A 146 2.43 5.37 2.30
C ILE A 146 3.47 5.34 1.20
N GLY A 147 4.17 4.22 1.08
CA GLY A 147 5.14 3.97 0.02
C GLY A 147 4.84 2.67 -0.71
N ASP A 148 5.75 2.32 -1.66
CA ASP A 148 5.77 1.06 -2.39
C ASP A 148 4.53 0.80 -3.21
N PHE A 149 4.43 1.50 -4.35
CA PHE A 149 3.28 1.47 -5.26
C PHE A 149 3.42 0.52 -6.45
N GLY A 150 4.34 -0.42 -6.36
CA GLY A 150 4.55 -1.43 -7.40
C GLY A 150 3.37 -2.30 -7.71
N MET A 151 2.55 -2.64 -6.70
CA MET A 151 1.35 -3.45 -6.88
C MET A 151 0.09 -2.61 -7.21
N ALA A 152 0.19 -1.26 -7.17
CA ALA A 152 -0.95 -0.38 -7.43
C ALA A 152 -1.52 -0.54 -8.80
N ARG A 153 -2.87 -0.53 -8.85
CA ARG A 153 -3.67 -0.60 -10.08
C ARG A 153 -4.92 0.26 -9.92
N GLY A 154 -5.57 0.52 -11.05
CA GLY A 154 -6.82 1.26 -11.15
C GLY A 154 -7.98 0.29 -11.07
N LEU A 155 -9.18 0.77 -11.37
CA LEU A 155 -10.38 -0.06 -11.38
C LEU A 155 -10.46 -0.99 -12.61
N CYS A 156 -9.56 -0.78 -13.61
CA CYS A 156 -9.44 -1.51 -14.89
C CYS A 156 -8.00 -2.03 -15.10
N THR A 157 -7.84 -3.34 -15.36
CA THR A 157 -6.53 -3.97 -15.62
C THR A 157 -6.49 -4.80 -16.92
N SER A 158 -5.31 -4.82 -17.59
CA SER A 158 -5.07 -5.53 -18.84
C SER A 158 -5.09 -7.06 -18.67
N PRO A 159 -5.81 -7.80 -19.55
CA PRO A 159 -5.81 -9.28 -19.46
C PRO A 159 -4.43 -9.90 -19.70
N ALA A 160 -3.53 -9.15 -20.39
CA ALA A 160 -2.14 -9.51 -20.71
C ALA A 160 -1.22 -9.76 -19.48
N GLU A 161 -1.62 -9.27 -18.29
CA GLU A 161 -0.84 -9.50 -17.07
C GLU A 161 -1.35 -10.74 -16.31
N HIS A 162 -0.41 -11.55 -15.78
CA HIS A 162 -0.73 -12.81 -15.08
C HIS A 162 -1.66 -12.63 -13.87
N GLN A 163 -1.46 -11.56 -13.07
CA GLN A 163 -2.24 -11.25 -11.85
C GLN A 163 -3.73 -10.99 -12.11
N TYR A 164 -4.11 -10.65 -13.37
CA TYR A 164 -5.50 -10.42 -13.80
C TYR A 164 -6.34 -11.71 -13.63
N PHE A 165 -5.68 -12.86 -13.72
CA PHE A 165 -6.27 -14.18 -13.58
C PHE A 165 -5.90 -14.88 -12.28
N MET A 166 -4.76 -14.50 -11.70
CA MET A 166 -4.18 -15.13 -10.52
C MET A 166 -4.14 -14.15 -9.38
N THR A 167 -5.32 -13.71 -8.94
CA THR A 167 -5.51 -12.70 -7.91
C THR A 167 -4.96 -13.13 -6.55
N GLU A 168 -4.95 -14.44 -6.25
CA GLU A 168 -4.43 -14.93 -4.97
C GLU A 168 -2.90 -14.76 -4.81
N TYR A 169 -2.22 -14.27 -5.86
CA TYR A 169 -0.79 -13.96 -5.81
C TYR A 169 -0.55 -12.44 -5.73
N VAL A 170 -1.63 -11.68 -5.70
CA VAL A 170 -1.50 -10.23 -5.58
C VAL A 170 -1.15 -9.90 -4.16
N ALA A 171 -0.02 -9.22 -3.98
CA ALA A 171 0.46 -8.73 -2.69
C ALA A 171 0.86 -9.81 -1.65
N THR A 172 0.79 -9.41 -0.36
CA THR A 172 1.24 -10.14 0.81
C THR A 172 0.10 -10.96 1.43
N ARG A 173 0.31 -12.27 1.56
CA ARG A 173 -0.67 -13.21 2.11
C ARG A 173 -1.35 -12.74 3.41
N TRP A 174 -0.59 -12.22 4.36
CA TRP A 174 -1.19 -11.86 5.66
C TRP A 174 -2.16 -10.68 5.62
N TYR A 175 -2.11 -9.87 4.54
CA TYR A 175 -2.91 -8.64 4.37
C TYR A 175 -3.83 -8.68 3.14
N ARG A 176 -3.85 -9.80 2.44
CA ARG A 176 -4.54 -10.02 1.18
C ARG A 176 -6.04 -10.25 1.38
N ALA A 177 -6.85 -9.32 0.84
CA ALA A 177 -8.32 -9.27 0.91
C ALA A 177 -8.97 -10.55 0.39
N PRO A 178 -10.08 -11.02 1.03
CA PRO A 178 -10.76 -12.22 0.55
C PRO A 178 -11.10 -12.23 -0.95
N GLU A 179 -11.47 -11.07 -1.55
CA GLU A 179 -11.78 -10.99 -3.00
C GLU A 179 -10.57 -11.41 -3.87
N LEU A 180 -9.34 -11.17 -3.36
CA LEU A 180 -8.11 -11.55 -4.03
C LEU A 180 -7.81 -13.03 -3.82
N MET A 181 -7.92 -13.52 -2.58
CA MET A 181 -7.71 -14.93 -2.22
C MET A 181 -8.66 -15.85 -3.00
N LEU A 182 -9.93 -15.44 -3.13
CA LEU A 182 -11.00 -16.24 -3.70
C LEU A 182 -11.43 -15.85 -5.11
N SER A 183 -10.77 -14.84 -5.73
CA SER A 183 -11.12 -14.36 -7.09
C SER A 183 -12.63 -14.01 -7.18
N LEU A 184 -13.13 -13.12 -6.29
CA LEU A 184 -14.57 -12.80 -6.21
C LEU A 184 -15.10 -11.84 -7.30
N HIS A 185 -14.24 -11.47 -8.29
CA HIS A 185 -14.58 -10.61 -9.44
C HIS A 185 -15.19 -9.26 -9.03
N GLU A 186 -14.71 -8.69 -7.91
CA GLU A 186 -15.10 -7.39 -7.36
C GLU A 186 -13.81 -6.79 -6.74
N TYR A 187 -13.02 -6.05 -7.55
CA TYR A 187 -11.73 -5.50 -7.15
C TYR A 187 -11.73 -3.98 -7.17
N THR A 188 -11.96 -3.41 -5.98
CA THR A 188 -12.04 -1.95 -5.81
C THR A 188 -11.09 -1.51 -4.70
N GLN A 189 -11.20 -0.21 -4.31
CA GLN A 189 -10.46 0.43 -3.21
C GLN A 189 -10.72 -0.30 -1.89
N ALA A 190 -11.84 -1.03 -1.80
CA ALA A 190 -12.19 -1.90 -0.68
C ALA A 190 -11.11 -2.95 -0.39
N ILE A 191 -10.26 -3.31 -1.39
CA ILE A 191 -9.09 -4.23 -1.20
C ILE A 191 -8.19 -3.61 -0.11
N ASP A 192 -7.96 -2.29 -0.19
CA ASP A 192 -7.10 -1.56 0.74
C ASP A 192 -7.64 -1.50 2.16
N LEU A 193 -8.98 -1.43 2.29
CA LEU A 193 -9.64 -1.34 3.58
C LEU A 193 -9.53 -2.64 4.38
N TRP A 194 -9.47 -3.81 3.71
CA TRP A 194 -9.23 -5.09 4.39
C TRP A 194 -7.80 -5.03 4.99
N SER A 195 -6.82 -4.61 4.18
CA SER A 195 -5.41 -4.46 4.60
C SER A 195 -5.31 -3.49 5.79
N VAL A 196 -6.03 -2.34 5.75
CA VAL A 196 -6.09 -1.36 6.86
C VAL A 196 -6.57 -2.04 8.15
N GLY A 197 -7.63 -2.83 8.07
CA GLY A 197 -8.18 -3.59 9.19
C GLY A 197 -7.14 -4.50 9.80
N CYS A 198 -6.39 -5.22 8.95
CA CYS A 198 -5.32 -6.14 9.39
C CYS A 198 -4.22 -5.34 10.14
N ILE A 199 -3.82 -4.19 9.57
CA ILE A 199 -2.83 -3.25 10.13
C ILE A 199 -3.34 -2.69 11.48
N PHE A 200 -4.64 -2.24 11.51
CA PHE A 200 -5.33 -1.69 12.70
C PHE A 200 -5.29 -2.74 13.84
N GLY A 201 -5.69 -3.98 13.53
CA GLY A 201 -5.63 -5.09 14.47
C GLY A 201 -4.23 -5.38 14.98
N GLU A 202 -3.25 -5.36 14.06
CA GLU A 202 -1.84 -5.57 14.41
C GLU A 202 -1.30 -4.50 15.41
N MET A 203 -1.67 -3.23 15.25
CA MET A 203 -1.24 -2.15 16.16
C MET A 203 -1.86 -2.33 17.56
N LEU A 204 -3.10 -2.84 17.62
CA LEU A 204 -3.86 -3.03 18.86
C LEU A 204 -3.26 -4.11 19.75
N ALA A 205 -2.84 -5.24 19.15
CA ALA A 205 -2.27 -6.35 19.90
C ALA A 205 -0.75 -6.48 19.76
N ARG A 206 -0.13 -5.67 18.86
CA ARG A 206 1.31 -5.70 18.52
C ARG A 206 1.73 -7.12 18.02
N ARG A 207 0.82 -7.74 17.24
CA ARG A 207 0.97 -9.05 16.60
C ARG A 207 0.01 -9.18 15.43
N GLN A 208 0.46 -9.87 14.35
CA GLN A 208 -0.30 -10.14 13.14
C GLN A 208 -1.60 -10.84 13.46
N LEU A 209 -2.67 -10.38 12.82
CA LEU A 209 -4.02 -10.87 13.01
C LEU A 209 -4.23 -12.20 12.30
N PHE A 210 -3.90 -12.30 11.00
CA PHE A 210 -4.09 -13.55 10.26
C PHE A 210 -2.75 -14.04 9.68
N PRO A 211 -1.82 -14.58 10.54
CA PRO A 211 -0.51 -14.98 10.02
C PRO A 211 -0.50 -16.39 9.40
N GLY A 212 -1.20 -16.54 8.28
CA GLY A 212 -1.35 -17.82 7.57
C GLY A 212 -0.08 -18.43 7.07
N LYS A 213 0.06 -19.77 7.20
CA LYS A 213 1.27 -20.48 6.78
C LYS A 213 1.33 -20.75 5.26
N ASN A 214 0.14 -20.81 4.63
CA ASN A 214 -0.05 -21.10 3.21
C ASN A 214 -1.46 -20.63 2.83
N TYR A 215 -1.90 -20.94 1.61
CA TYR A 215 -3.19 -20.55 1.05
C TYR A 215 -4.40 -20.96 1.87
N VAL A 216 -4.54 -22.28 2.12
CA VAL A 216 -5.67 -22.84 2.86
C VAL A 216 -5.64 -22.38 4.32
N HIS A 217 -4.46 -22.46 4.97
CA HIS A 217 -4.31 -22.01 6.36
C HIS A 217 -4.68 -20.52 6.51
N GLN A 218 -4.39 -19.70 5.48
CA GLN A 218 -4.77 -18.28 5.51
C GLN A 218 -6.29 -18.11 5.62
N LEU A 219 -7.05 -18.86 4.78
CA LEU A 219 -8.52 -18.86 4.77
C LEU A 219 -9.08 -19.41 6.07
N GLN A 220 -8.46 -20.46 6.61
CA GLN A 220 -8.85 -21.05 7.88
C GLN A 220 -8.78 -19.98 8.98
N LEU A 221 -7.64 -19.25 9.06
CA LEU A 221 -7.46 -18.20 10.08
C LEU A 221 -8.50 -17.11 9.98
N ILE A 222 -8.81 -16.67 8.74
CA ILE A 222 -9.82 -15.63 8.50
C ILE A 222 -11.16 -16.16 8.99
N MET A 223 -11.51 -17.41 8.59
CA MET A 223 -12.77 -18.05 8.97
C MET A 223 -12.90 -18.32 10.48
N MET A 224 -11.77 -18.47 11.20
CA MET A 224 -11.80 -18.69 12.66
C MET A 224 -12.37 -17.49 13.41
N VAL A 225 -12.22 -16.28 12.85
CA VAL A 225 -12.73 -15.05 13.45
C VAL A 225 -14.01 -14.57 12.75
N LEU A 226 -13.98 -14.48 11.42
CA LEU A 226 -15.12 -13.98 10.62
C LEU A 226 -16.29 -14.95 10.49
N GLY A 227 -16.03 -16.22 10.74
CA GLY A 227 -17.01 -17.27 10.58
C GLY A 227 -17.02 -17.73 9.13
N THR A 228 -17.91 -18.66 8.82
CA THR A 228 -18.10 -19.22 7.48
C THR A 228 -18.59 -18.11 6.54
N PRO A 229 -18.05 -17.94 5.32
CA PRO A 229 -18.59 -16.92 4.41
C PRO A 229 -20.01 -17.29 3.95
N SER A 230 -20.83 -16.28 3.61
CA SER A 230 -22.23 -16.44 3.17
C SER A 230 -22.36 -17.30 1.90
N PRO A 231 -23.56 -17.85 1.60
CA PRO A 231 -23.71 -18.63 0.35
C PRO A 231 -23.41 -17.81 -0.90
N ALA A 232 -23.75 -16.50 -0.92
CA ALA A 232 -23.48 -15.64 -2.08
C ALA A 232 -21.99 -15.46 -2.34
N VAL A 233 -21.15 -15.36 -1.27
CA VAL A 233 -19.72 -15.22 -1.50
C VAL A 233 -19.11 -16.58 -1.92
N ILE A 234 -19.66 -17.73 -1.41
CA ILE A 234 -19.19 -19.07 -1.81
C ILE A 234 -19.46 -19.34 -3.32
N GLN A 235 -20.64 -18.95 -3.84
CA GLN A 235 -20.97 -19.10 -5.26
C GLN A 235 -20.04 -18.24 -6.16
N ALA A 236 -19.59 -17.07 -5.65
CA ALA A 236 -18.67 -16.15 -6.34
C ALA A 236 -17.22 -16.63 -6.37
N VAL A 237 -16.87 -17.69 -5.58
CA VAL A 237 -15.52 -18.28 -5.55
C VAL A 237 -15.27 -18.92 -6.93
N GLY A 238 -14.27 -18.38 -7.65
CA GLY A 238 -13.90 -18.86 -8.98
C GLY A 238 -13.53 -20.33 -9.06
N ALA A 239 -12.55 -20.75 -8.27
CA ALA A 239 -12.03 -22.12 -8.28
C ALA A 239 -12.87 -23.13 -7.50
N GLU A 240 -13.22 -24.22 -8.19
CA GLU A 240 -14.03 -25.35 -7.71
C GLU A 240 -13.45 -26.01 -6.46
N ARG A 241 -12.12 -26.28 -6.41
CA ARG A 241 -11.46 -26.91 -5.26
C ARG A 241 -11.61 -26.10 -3.99
N VAL A 242 -11.40 -24.78 -4.08
CA VAL A 242 -11.49 -23.87 -2.92
C VAL A 242 -12.93 -23.84 -2.45
N ARG A 243 -13.85 -23.70 -3.42
CA ARG A 243 -15.30 -23.64 -3.24
C ARG A 243 -15.79 -24.90 -2.53
N ALA A 244 -15.30 -26.08 -2.94
CA ALA A 244 -15.65 -27.36 -2.32
C ALA A 244 -15.07 -27.45 -0.92
N TYR A 245 -13.82 -26.99 -0.75
CA TYR A 245 -13.15 -26.99 0.54
C TYR A 245 -13.95 -26.13 1.55
N ILE A 246 -14.39 -24.92 1.15
CA ILE A 246 -15.17 -24.04 2.02
C ILE A 246 -16.53 -24.70 2.41
N GLN A 247 -17.23 -25.28 1.41
CA GLN A 247 -18.52 -26.00 1.56
C GLN A 247 -18.42 -27.26 2.42
N SER A 248 -17.24 -27.93 2.41
CA SER A 248 -16.99 -29.15 3.19
C SER A 248 -16.89 -28.88 4.68
N LEU A 249 -16.51 -27.65 5.04
CA LEU A 249 -16.31 -27.20 6.42
C LEU A 249 -17.61 -27.01 7.22
N PRO A 250 -17.61 -27.38 8.54
CA PRO A 250 -18.84 -27.17 9.34
C PRO A 250 -19.14 -25.68 9.53
N PRO A 251 -20.43 -25.27 9.57
CA PRO A 251 -20.76 -23.84 9.71
C PRO A 251 -20.17 -23.17 10.95
N ARG A 252 -19.73 -21.91 10.81
CA ARG A 252 -19.12 -21.16 11.91
C ARG A 252 -19.64 -19.74 12.00
N GLN A 253 -19.89 -19.30 13.22
CA GLN A 253 -20.38 -17.96 13.51
C GLN A 253 -19.24 -16.97 13.71
N PRO A 254 -19.42 -15.66 13.42
CA PRO A 254 -18.33 -14.70 13.67
C PRO A 254 -18.03 -14.61 15.16
N VAL A 255 -16.76 -14.43 15.49
CA VAL A 255 -16.27 -14.28 16.86
C VAL A 255 -16.23 -12.77 17.09
N PRO A 256 -16.94 -12.22 18.10
CA PRO A 256 -16.91 -10.76 18.32
C PRO A 256 -15.49 -10.26 18.54
N TRP A 257 -15.20 -9.04 18.07
CA TRP A 257 -13.88 -8.44 18.20
C TRP A 257 -13.48 -8.20 19.67
N GLU A 258 -14.48 -8.14 20.57
CA GLU A 258 -14.31 -8.01 22.02
C GLU A 258 -13.64 -9.29 22.60
N THR A 259 -13.78 -10.43 21.88
CA THR A 259 -13.19 -11.74 22.22
C THR A 259 -11.79 -11.87 21.58
N VAL A 260 -11.61 -11.36 20.36
CA VAL A 260 -10.32 -11.38 19.64
C VAL A 260 -9.29 -10.51 20.37
N TYR A 261 -9.72 -9.28 20.77
CA TYR A 261 -8.90 -8.30 21.49
C TYR A 261 -9.61 -7.96 22.84
N PRO A 262 -9.43 -8.79 23.89
CA PRO A 262 -10.12 -8.53 25.17
C PRO A 262 -9.75 -7.21 25.82
N GLY A 263 -10.77 -6.47 26.20
CA GLY A 263 -10.65 -5.17 26.85
C GLY A 263 -10.19 -4.00 25.99
N ALA A 264 -10.09 -4.20 24.65
CA ALA A 264 -9.66 -3.13 23.73
C ALA A 264 -10.73 -2.02 23.62
N ASP A 265 -10.29 -0.81 23.23
CA ASP A 265 -11.15 0.36 23.06
C ASP A 265 -12.36 0.03 22.19
N ARG A 266 -13.55 0.39 22.69
CA ARG A 266 -14.87 0.15 22.10
C ARG A 266 -15.02 0.79 20.71
N GLN A 267 -14.67 2.08 20.61
CA GLN A 267 -14.72 2.81 19.34
C GLN A 267 -13.72 2.26 18.35
N ALA A 268 -12.54 1.78 18.82
CA ALA A 268 -11.54 1.13 17.94
C ALA A 268 -12.11 -0.14 17.36
N LEU A 269 -12.66 -1.02 18.21
CA LEU A 269 -13.27 -2.30 17.79
C LEU A 269 -14.48 -2.09 16.86
N SER A 270 -15.26 -1.02 17.08
CA SER A 270 -16.41 -0.67 16.23
C SER A 270 -15.94 -0.40 14.79
N LEU A 271 -14.92 0.48 14.61
CA LEU A 271 -14.34 0.81 13.32
C LEU A 271 -13.66 -0.41 12.68
N LEU A 272 -12.90 -1.18 13.48
CA LEU A 272 -12.27 -2.42 13.05
C LEU A 272 -13.32 -3.38 12.39
N GLY A 273 -14.46 -3.57 13.05
CA GLY A 273 -15.53 -4.44 12.53
C GLY A 273 -16.10 -4.02 11.19
N ARG A 274 -16.06 -2.68 10.89
CA ARG A 274 -16.54 -2.08 9.64
C ARG A 274 -15.58 -2.32 8.47
N MET A 275 -14.32 -2.61 8.78
CA MET A 275 -13.24 -2.83 7.81
C MET A 275 -13.12 -4.31 7.43
N LEU A 276 -13.09 -5.21 8.42
CA LEU A 276 -12.89 -6.63 8.19
C LEU A 276 -14.17 -7.40 7.91
N ARG A 277 -14.62 -7.30 6.65
CA ARG A 277 -15.81 -8.00 6.15
C ARG A 277 -15.42 -8.78 4.89
N PHE A 278 -15.96 -10.00 4.74
CA PHE A 278 -15.71 -10.81 3.55
C PHE A 278 -16.14 -10.03 2.28
N GLU A 279 -17.36 -9.43 2.32
CA GLU A 279 -17.95 -8.70 1.20
C GLU A 279 -17.29 -7.35 1.02
N PRO A 280 -16.61 -7.14 -0.13
CA PRO A 280 -15.95 -5.84 -0.39
C PRO A 280 -16.88 -4.62 -0.21
N SER A 281 -18.11 -4.70 -0.78
CA SER A 281 -19.09 -3.62 -0.75
C SER A 281 -19.65 -3.33 0.66
N ALA A 282 -19.46 -4.26 1.62
CA ALA A 282 -19.93 -4.07 2.99
C ALA A 282 -18.91 -3.32 3.86
N ARG A 283 -17.63 -3.25 3.41
CA ARG A 283 -16.60 -2.54 4.15
C ARG A 283 -16.81 -1.02 4.12
N ILE A 284 -16.41 -0.34 5.21
CA ILE A 284 -16.40 1.12 5.29
C ILE A 284 -15.32 1.64 4.28
N SER A 285 -15.52 2.82 3.68
CA SER A 285 -14.52 3.46 2.80
C SER A 285 -13.49 4.22 3.68
N ALA A 286 -12.38 4.68 3.08
CA ALA A 286 -11.38 5.49 3.79
C ALA A 286 -12.04 6.79 4.20
N ALA A 287 -12.81 7.44 3.30
CA ALA A 287 -13.50 8.71 3.60
C ALA A 287 -14.46 8.57 4.76
N ALA A 288 -15.28 7.49 4.81
CA ALA A 288 -16.25 7.34 5.89
C ALA A 288 -15.57 6.94 7.20
N ALA A 289 -14.46 6.18 7.13
CA ALA A 289 -13.68 5.79 8.32
C ALA A 289 -13.10 7.00 9.03
N LEU A 290 -12.73 8.04 8.25
CA LEU A 290 -12.27 9.30 8.79
C LEU A 290 -13.39 10.01 9.58
N ARG A 291 -14.68 9.73 9.24
CA ARG A 291 -15.86 10.31 9.91
C ARG A 291 -16.31 9.47 11.14
N HIS A 292 -15.60 8.34 11.44
CA HIS A 292 -15.93 7.46 12.58
C HIS A 292 -15.56 8.13 13.93
N PRO A 293 -16.40 7.96 14.99
CA PRO A 293 -16.04 8.53 16.31
C PRO A 293 -14.61 8.25 16.81
N PHE A 294 -13.99 7.11 16.41
CA PHE A 294 -12.63 6.77 16.83
C PHE A 294 -11.56 7.79 16.38
N LEU A 295 -11.74 8.45 15.23
CA LEU A 295 -10.77 9.43 14.73
C LEU A 295 -11.21 10.89 14.86
N ALA A 296 -12.33 11.17 15.55
CA ALA A 296 -12.88 12.52 15.76
C ALA A 296 -11.87 13.56 16.31
N LYS A 297 -10.89 13.11 17.12
CA LYS A 297 -9.81 13.91 17.74
C LYS A 297 -9.00 14.67 16.68
N TYR A 298 -8.73 13.99 15.56
CA TYR A 298 -7.91 14.46 14.45
C TYR A 298 -8.66 14.87 13.24
N HIS A 299 -9.83 14.29 13.03
CA HIS A 299 -10.66 14.53 11.86
C HIS A 299 -11.01 15.99 11.62
N ASP A 300 -10.68 16.49 10.42
CA ASP A 300 -10.99 17.85 9.98
C ASP A 300 -11.23 17.74 8.46
N PRO A 301 -12.49 17.72 7.97
CA PRO A 301 -12.72 17.55 6.52
C PRO A 301 -12.03 18.59 5.61
N ASP A 302 -11.82 19.80 6.14
CA ASP A 302 -11.14 20.87 5.39
C ASP A 302 -9.62 20.60 5.25
N ASP A 303 -9.07 19.65 6.03
CA ASP A 303 -7.65 19.31 5.98
C ASP A 303 -7.43 17.89 5.47
N GLU A 304 -8.45 17.28 4.84
CA GLU A 304 -8.37 15.90 4.33
C GLU A 304 -8.79 15.92 2.85
N PRO A 305 -7.90 16.38 1.96
CA PRO A 305 -8.29 16.50 0.55
C PRO A 305 -8.43 15.20 -0.24
N ASP A 306 -9.08 15.38 -1.38
CA ASP A 306 -9.28 14.43 -2.45
C ASP A 306 -8.21 14.79 -3.49
N CYS A 307 -7.97 13.91 -4.45
CA CYS A 307 -7.02 14.09 -5.54
C CYS A 307 -7.78 14.24 -6.85
N ALA A 308 -7.65 15.39 -7.49
CA ALA A 308 -8.26 15.68 -8.80
C ALA A 308 -7.15 16.18 -9.74
N PRO A 309 -7.07 15.68 -10.99
CA PRO A 309 -7.93 14.69 -11.64
C PRO A 309 -7.57 13.25 -11.24
N PRO A 310 -8.37 12.23 -11.64
CA PRO A 310 -7.99 10.84 -11.32
C PRO A 310 -6.76 10.40 -12.11
N PHE A 311 -6.08 9.35 -11.61
CA PHE A 311 -4.89 8.81 -12.25
C PHE A 311 -5.30 7.77 -13.28
N ASP A 312 -4.62 7.78 -14.44
CA ASP A 312 -4.92 6.86 -15.54
C ASP A 312 -3.79 5.85 -15.74
N PHE A 313 -4.15 4.57 -15.72
CA PHE A 313 -3.28 3.42 -15.85
C PHE A 313 -3.12 2.90 -17.27
N ALA A 314 -3.63 3.64 -18.26
CA ALA A 314 -3.58 3.26 -19.68
C ALA A 314 -2.18 2.97 -20.21
N PHE A 315 -1.19 3.78 -19.81
CA PHE A 315 0.22 3.64 -20.20
C PHE A 315 0.78 2.27 -19.80
N ASP A 316 0.23 1.70 -18.71
CA ASP A 316 0.72 0.44 -18.12
C ASP A 316 0.14 -0.78 -18.80
N ARG A 317 -1.03 -0.64 -19.40
CA ARG A 317 -1.70 -1.72 -20.16
C ARG A 317 -1.06 -1.88 -21.54
N GLU A 318 -0.29 -0.86 -22.03
CA GLU A 318 0.41 -0.94 -23.33
C GLU A 318 1.53 -1.99 -23.27
N ALA A 319 1.66 -2.77 -24.33
CA ALA A 319 2.71 -3.79 -24.46
C ALA A 319 3.95 -3.07 -25.05
N LEU A 320 4.86 -2.68 -24.17
CA LEU A 320 6.05 -1.94 -24.58
C LEU A 320 7.28 -2.76 -24.35
N THR A 321 8.25 -2.62 -25.26
CA THR A 321 9.56 -3.27 -25.14
C THR A 321 10.35 -2.55 -24.05
N ARG A 322 11.45 -3.17 -23.60
CA ARG A 322 12.35 -2.59 -22.60
C ARG A 322 12.84 -1.23 -23.12
N GLU A 323 13.21 -1.10 -24.40
CA GLU A 323 13.68 0.18 -24.95
C GLU A 323 12.59 1.27 -24.88
N ARG A 324 11.35 0.95 -25.28
CA ARG A 324 10.24 1.90 -25.19
C ARG A 324 9.94 2.33 -23.77
N ILE A 325 10.13 1.44 -22.79
CA ILE A 325 9.91 1.76 -21.36
C ILE A 325 11.01 2.71 -20.88
N LYS A 326 12.26 2.45 -21.27
CA LYS A 326 13.39 3.31 -20.97
C LYS A 326 13.08 4.70 -21.52
N GLU A 327 12.55 4.80 -22.76
CA GLU A 327 12.18 6.07 -23.39
C GLU A 327 11.14 6.81 -22.58
N ALA A 328 10.12 6.09 -22.07
CA ALA A 328 9.05 6.66 -21.25
C ALA A 328 9.57 7.10 -19.87
N ILE A 329 10.51 6.33 -19.25
CA ILE A 329 11.11 6.68 -17.95
C ILE A 329 11.94 7.97 -18.12
N VAL A 330 12.80 8.01 -19.15
CA VAL A 330 13.59 9.18 -19.51
C VAL A 330 12.64 10.40 -19.76
N ALA A 331 11.49 10.21 -20.44
CA ALA A 331 10.54 11.31 -20.65
C ALA A 331 9.93 11.80 -19.32
N GLU A 332 9.69 10.87 -18.36
CA GLU A 332 9.20 11.21 -17.01
C GLU A 332 10.21 12.06 -16.24
N ILE A 333 11.51 11.74 -16.35
CA ILE A 333 12.57 12.49 -15.68
C ILE A 333 12.63 13.91 -16.25
N GLU A 334 12.58 14.04 -17.59
CA GLU A 334 12.59 15.31 -18.31
C GLU A 334 11.38 16.17 -17.89
N ASP A 335 10.16 15.57 -17.88
CA ASP A 335 8.91 16.25 -17.52
C ASP A 335 8.97 16.79 -16.09
N PHE A 336 9.52 15.97 -15.15
CA PHE A 336 9.73 16.32 -13.77
C PHE A 336 10.53 17.62 -13.65
N HIS A 337 11.67 17.72 -14.36
CA HIS A 337 12.55 18.89 -14.35
C HIS A 337 12.01 20.09 -15.11
N ALA A 338 11.19 19.84 -16.15
CA ALA A 338 10.55 20.87 -16.95
C ALA A 338 9.42 21.53 -16.16
N ARG A 339 8.68 20.76 -15.34
CA ARG A 339 7.58 21.26 -14.52
C ARG A 339 8.04 22.10 -13.35
N ARG A 340 9.30 21.89 -12.89
CA ARG A 340 9.92 22.65 -11.80
C ARG A 340 10.46 23.99 -12.34
N GLU A 341 11.09 23.95 -13.53
CA GLU A 341 11.68 25.10 -14.22
C GLU A 341 11.67 24.85 -15.74
C1 4QZ B . 12.85 -2.95 -4.03
C2 4QZ B . 14.04 -3.89 -3.99
C3 4QZ B . 14.06 -5.09 -4.77
C7 4QZ B . 15.12 -3.59 -3.12
C8 4QZ B . 12.43 -1.22 -5.77
C9 4QZ B . 11.68 0.33 -7.72
C10 4QZ B . 11.73 -1.19 -9.31
C11 4QZ B . 11.20 2.76 -7.24
C12 4QZ B . 10.83 3.21 -8.54
C13 4QZ B . 10.44 4.54 -8.69
C14 4QZ B . 10.43 5.36 -7.57
C15 4QZ B . 10.79 4.96 -6.27
C16 4QZ B . 11.20 3.64 -6.11
CL 4QZ B . 9.96 6.94 -7.79
N5 4QZ B . 11.59 1.45 -6.92
N2 4QZ B . 11.44 0.19 -9.06
N4 4QZ B . 11.53 -1.73 -10.50
N3 4QZ B . 12.15 -1.91 -8.19
N1 4QZ B . 12.11 -0.92 -7.16
O 4QZ B . 12.58 -0.26 -4.98
N 4QZ B . 12.51 -2.57 -5.41
C 4QZ B . 11.63 -3.59 -3.39
C6 4QZ B . 16.20 -4.48 -3.03
C5 4QZ B . 16.22 -5.66 -3.80
C4 4QZ B . 15.16 -5.96 -4.67
C1 GOL C . 2.17 -1.14 24.61
O1 GOL C . 2.76 -2.37 24.24
C2 GOL C . 3.21 -0.04 24.64
O2 GOL C . 2.67 1.13 25.24
C3 GOL C . 4.48 -0.45 25.35
O3 GOL C . 4.20 -1.03 26.61
C1 GOL D . 13.21 6.81 17.55
O1 GOL D . 13.98 6.71 16.36
C2 GOL D . 12.04 7.75 17.38
O2 GOL D . 12.51 9.10 17.34
C3 GOL D . 11.04 7.57 18.49
O3 GOL D . 11.59 8.04 19.71
C1 GOL E . -3.24 16.09 -9.03
O1 GOL E . -2.15 15.73 -9.87
C2 GOL E . -2.74 16.39 -7.63
O2 GOL E . -1.70 17.37 -7.70
C3 GOL E . -3.86 16.88 -6.73
O3 GOL E . -3.37 17.21 -5.43
C1 GOL F . 18.09 -3.05 -24.10
O1 GOL F . 16.96 -3.20 -24.97
C2 GOL F . 17.68 -2.46 -22.77
O2 GOL F . 17.21 -1.12 -22.96
C3 GOL F . 18.86 -2.44 -21.82
O3 GOL F . 19.36 -3.75 -21.56
C1 GOL G . 4.53 -13.79 4.76
O1 GOL G . 5.12 -15.07 4.55
C2 GOL G . 3.42 -13.55 3.74
O2 GOL G . 2.55 -12.52 4.22
C3 GOL G . 4.01 -13.15 2.41
O3 GOL G . 3.01 -13.02 1.39
#